data_2IAD
#
_entry.id   2IAD
#
_cell.length_a   127.200
_cell.length_b   100.200
_cell.length_c   53.100
_cell.angle_alpha   90.00
_cell.angle_beta   100.30
_cell.angle_gamma   90.00
#
_symmetry.space_group_name_H-M   'C 1 2 1'
#
loop_
_entity.id
_entity.type
_entity.pdbx_description
1 polymer 'MHC CLASS II I-AD'
2 polymer 'MHC CLASS II I-AD'
3 water water
#
loop_
_entity_poly.entity_id
_entity_poly.type
_entity_poly.pdbx_seq_one_letter_code
_entity_poly.pdbx_strand_id
1 'polypeptide(L)'
;EDDIEADHVGFYGTTVYQSPGDIGQYTHEFDGDELFYVDLDKKKTVWRLPEFGQLILFEPQGGLQNIAAEKHNLGILTKR
SNFTPATNEAPQATVFPKSPVLLGQPNTLICFVDNIFPPVINITWLRNSKSVTDGVYETSFLVNRDHSFHKLSYLTFIPS
DDDIYDCKVEHWGLEEPVLKHWEPEISSADLVPR
;
A
2 'polypeptide(L)'
;GHATQGVTAASSHEGNSERHFVVQFKGECYYTNGTQRIRLVTRYIYNREEYVRYDSDVGEYRAVTELGRPDAEYWNSQPE
ILERTRAEVDTACRHNYEGPETSTSLRRLEQPNVAISLSRTEALNHHNTLVCSVTDFYPAKIKVRWFRNGQEETVGVSST
QLIRNGDWTFQVLVMLEMTPHQGEVYTCHVEHPSLKSPITVEWSS
;
B
#
# COMPACT_ATOMS: atom_id res chain seq x y z
N ILE A 4 -9.27 -0.64 -13.67
CA ILE A 4 -10.69 -0.91 -14.04
C ILE A 4 -11.58 -1.22 -12.85
N GLU A 5 -12.86 -1.44 -13.13
CA GLU A 5 -13.83 -1.75 -12.10
C GLU A 5 -13.54 -3.15 -11.58
N ALA A 6 -13.27 -3.27 -10.29
CA ALA A 6 -12.99 -4.57 -9.74
C ALA A 6 -13.36 -4.56 -8.27
N ASP A 7 -13.71 -5.74 -7.75
CA ASP A 7 -14.07 -5.84 -6.35
C ASP A 7 -12.81 -6.11 -5.57
N HIS A 8 -11.83 -6.72 -6.24
CA HIS A 8 -10.57 -7.00 -5.60
C HIS A 8 -9.51 -7.01 -6.66
N VAL A 9 -8.27 -6.74 -6.27
CA VAL A 9 -7.19 -6.76 -7.24
C VAL A 9 -5.97 -7.32 -6.55
N GLY A 10 -5.36 -8.33 -7.16
CA GLY A 10 -4.17 -8.92 -6.60
C GLY A 10 -2.99 -8.58 -7.50
N PHE A 11 -1.89 -8.14 -6.92
CA PHE A 11 -0.67 -7.84 -7.69
C PHE A 11 0.20 -9.07 -7.52
N TYR A 12 0.15 -9.95 -8.52
CA TYR A 12 0.87 -11.23 -8.48
C TYR A 12 2.08 -11.53 -9.35
N GLY A 13 3.13 -10.75 -9.26
CA GLY A 13 4.32 -11.08 -10.03
C GLY A 13 5.23 -9.89 -10.13
N THR A 14 4.82 -8.83 -9.46
CA THR A 14 5.51 -7.54 -9.46
C THR A 14 7.02 -7.60 -9.29
N THR A 15 7.75 -7.16 -10.31
CA THR A 15 9.20 -7.18 -10.25
C THR A 15 9.80 -5.79 -10.54
N VAL A 16 10.97 -5.53 -9.96
CA VAL A 16 11.65 -4.25 -10.16
C VAL A 16 13.14 -4.48 -10.32
N TYR A 17 13.77 -3.80 -11.28
CA TYR A 17 15.21 -3.95 -11.46
C TYR A 17 15.86 -2.62 -11.81
N GLN A 18 16.99 -2.34 -11.19
CA GLN A 18 17.72 -1.10 -11.44
C GLN A 18 19.14 -1.53 -11.77
N SER A 19 19.66 -0.95 -12.85
CA SER A 19 20.99 -1.32 -13.35
C SER A 19 22.21 -0.98 -12.52
N PRO A 20 22.47 0.32 -12.29
CA PRO A 20 23.67 0.56 -11.47
C PRO A 20 23.46 -0.05 -10.10
N GLY A 21 24.23 -1.09 -9.79
CA GLY A 21 24.12 -1.75 -8.51
C GLY A 21 23.38 -3.08 -8.55
N ASP A 22 22.78 -3.39 -9.69
CA ASP A 22 22.05 -4.65 -9.87
C ASP A 22 21.04 -4.81 -8.76
N ILE A 23 20.28 -3.75 -8.54
CA ILE A 23 19.23 -3.69 -7.54
C ILE A 23 17.88 -4.20 -8.01
N GLY A 24 17.38 -5.27 -7.41
CA GLY A 24 16.10 -5.79 -7.82
C GLY A 24 15.20 -6.19 -6.66
N GLN A 25 13.89 -6.15 -6.89
CA GLN A 25 12.95 -6.50 -5.85
C GLN A 25 11.77 -7.28 -6.40
N TYR A 26 11.19 -8.14 -5.57
CA TYR A 26 10.05 -8.97 -5.96
C TYR A 26 9.02 -9.09 -4.84
N THR A 27 7.77 -8.72 -5.14
CA THR A 27 6.69 -8.78 -4.14
C THR A 27 5.33 -9.19 -4.72
N HIS A 28 4.37 -9.28 -3.80
CA HIS A 28 3.00 -9.63 -4.13
C HIS A 28 2.13 -8.75 -3.23
N GLU A 29 1.02 -8.28 -3.75
CA GLU A 29 0.10 -7.46 -2.97
C GLU A 29 -1.33 -7.93 -3.20
N PHE A 30 -2.21 -7.60 -2.28
CA PHE A 30 -3.61 -7.93 -2.47
C PHE A 30 -4.47 -6.79 -1.94
N ASP A 31 -5.12 -6.09 -2.86
CA ASP A 31 -5.99 -4.97 -2.53
C ASP A 31 -5.22 -3.80 -1.91
N GLY A 32 -4.03 -3.54 -2.45
CA GLY A 32 -3.20 -2.43 -1.99
C GLY A 32 -2.27 -2.71 -0.83
N ASP A 33 -2.36 -3.91 -0.26
CA ASP A 33 -1.53 -4.28 0.87
C ASP A 33 -0.45 -5.28 0.46
N GLU A 34 0.73 -5.17 1.05
CA GLU A 34 1.85 -6.06 0.73
C GLU A 34 1.75 -7.45 1.36
N LEU A 35 1.75 -8.49 0.51
CA LEU A 35 1.65 -9.87 0.95
C LEU A 35 2.97 -10.45 1.49
N PHE A 36 4.03 -10.28 0.72
CA PHE A 36 5.35 -10.74 1.10
C PHE A 36 6.37 -10.13 0.13
N TYR A 37 7.64 -10.46 0.34
CA TYR A 37 8.72 -10.10 -0.58
C TYR A 37 9.74 -11.21 -0.49
N VAL A 38 10.55 -11.38 -1.53
CA VAL A 38 11.54 -12.44 -1.53
C VAL A 38 12.96 -11.96 -1.27
N ASP A 39 13.57 -12.47 -0.22
CA ASP A 39 14.95 -12.13 0.11
C ASP A 39 15.78 -12.74 -1.00
N LEU A 40 16.15 -11.94 -1.99
CA LEU A 40 16.92 -12.44 -3.13
C LEU A 40 18.32 -12.81 -2.70
N ASP A 41 18.58 -12.59 -1.42
CA ASP A 41 19.87 -12.88 -0.82
C ASP A 41 19.80 -14.18 -0.03
N LYS A 42 18.81 -14.29 0.86
CA LYS A 42 18.65 -15.50 1.64
C LYS A 42 17.87 -16.50 0.78
N LYS A 43 17.11 -15.96 -0.17
CA LYS A 43 16.29 -16.76 -1.07
C LYS A 43 15.12 -17.32 -0.27
N LYS A 44 14.50 -16.45 0.53
CA LYS A 44 13.38 -16.84 1.37
C LYS A 44 12.17 -15.95 1.20
N THR A 45 11.00 -16.56 1.08
CA THR A 45 9.78 -15.81 0.93
C THR A 45 9.36 -15.30 2.30
N VAL A 46 9.46 -13.98 2.51
CA VAL A 46 9.12 -13.33 3.78
C VAL A 46 7.74 -12.66 3.76
N TRP A 47 6.85 -13.13 4.63
CA TRP A 47 5.48 -12.63 4.71
C TRP A 47 5.27 -11.41 5.61
N ARG A 48 4.43 -10.50 5.15
CA ARG A 48 4.12 -9.29 5.90
C ARG A 48 3.32 -9.73 7.12
N LEU A 49 2.30 -10.56 6.87
CA LEU A 49 1.47 -11.12 7.93
C LEU A 49 1.98 -12.57 7.99
N PRO A 50 2.84 -12.86 8.96
CA PRO A 50 3.45 -14.20 9.10
C PRO A 50 2.44 -15.32 9.31
N GLU A 51 1.21 -14.95 9.59
CA GLU A 51 0.19 -15.97 9.79
C GLU A 51 -0.20 -16.52 8.41
N PHE A 52 0.00 -15.71 7.37
CA PHE A 52 -0.33 -16.08 6.00
C PHE A 52 0.56 -17.15 5.37
N GLY A 53 1.87 -17.04 5.58
CA GLY A 53 2.80 -18.01 5.01
C GLY A 53 2.65 -19.36 5.66
N GLN A 54 1.91 -19.37 6.76
CA GLN A 54 1.66 -20.58 7.52
C GLN A 54 0.58 -21.41 6.85
N LEU A 55 -0.25 -20.74 6.07
CA LEU A 55 -1.35 -21.40 5.38
C LEU A 55 -1.16 -21.51 3.88
N ILE A 56 -0.17 -20.82 3.35
CA ILE A 56 0.10 -20.88 1.92
C ILE A 56 1.57 -20.63 1.71
N LEU A 57 2.07 -20.95 0.53
CA LEU A 57 3.49 -20.74 0.30
C LEU A 57 3.89 -20.39 -1.11
N PHE A 58 4.91 -19.55 -1.18
CA PHE A 58 5.43 -19.11 -2.45
C PHE A 58 6.87 -19.59 -2.59
N GLU A 59 7.16 -20.16 -3.76
CA GLU A 59 8.47 -20.68 -4.08
C GLU A 59 9.34 -19.56 -4.65
N PRO A 60 10.34 -19.13 -3.87
CA PRO A 60 11.28 -18.06 -4.22
C PRO A 60 11.87 -18.08 -5.62
N GLN A 61 12.05 -19.27 -6.19
CA GLN A 61 12.62 -19.37 -7.53
C GLN A 61 11.70 -18.66 -8.51
N GLY A 62 10.42 -18.60 -8.18
CA GLY A 62 9.48 -17.91 -9.03
C GLY A 62 9.86 -16.44 -9.13
N GLY A 63 10.24 -15.87 -8.00
CA GLY A 63 10.66 -14.48 -7.98
C GLY A 63 11.99 -14.31 -8.67
N LEU A 64 13.00 -15.03 -8.20
CA LEU A 64 14.32 -14.95 -8.80
C LEU A 64 14.25 -15.08 -10.32
N GLN A 65 13.38 -15.98 -10.80
CA GLN A 65 13.22 -16.18 -12.23
C GLN A 65 12.74 -14.88 -12.90
N ASN A 66 11.88 -14.17 -12.19
CA ASN A 66 11.33 -12.91 -12.68
C ASN A 66 12.36 -11.80 -12.57
N ILE A 67 13.28 -11.93 -11.62
CA ILE A 67 14.32 -10.91 -11.46
C ILE A 67 15.24 -11.03 -12.66
N ALA A 68 15.54 -12.27 -13.03
CA ALA A 68 16.42 -12.56 -14.15
C ALA A 68 15.85 -12.02 -15.46
N ALA A 69 14.53 -12.08 -15.59
CA ALA A 69 13.82 -11.61 -16.77
C ALA A 69 13.98 -10.10 -16.91
N GLU A 70 13.69 -9.38 -15.82
CA GLU A 70 13.78 -7.93 -15.81
C GLU A 70 15.21 -7.41 -15.93
N LYS A 71 16.17 -8.20 -15.44
CA LYS A 71 17.59 -7.82 -15.50
C LYS A 71 18.01 -7.83 -16.97
N HIS A 72 17.55 -8.86 -17.69
CA HIS A 72 17.83 -9.04 -19.11
C HIS A 72 17.14 -7.92 -19.86
N ASN A 73 15.82 -7.84 -19.69
CA ASN A 73 15.02 -6.79 -20.32
C ASN A 73 15.57 -5.39 -20.06
N LEU A 74 16.11 -5.18 -18.86
CA LEU A 74 16.65 -3.88 -18.53
C LEU A 74 17.71 -3.53 -19.55
N GLY A 75 18.71 -4.40 -19.68
CA GLY A 75 19.78 -4.17 -20.64
C GLY A 75 19.25 -3.84 -22.02
N ILE A 76 18.33 -4.66 -22.54
CA ILE A 76 17.76 -4.46 -23.87
C ILE A 76 17.03 -3.14 -24.03
N LEU A 77 16.15 -2.82 -23.08
CA LEU A 77 15.38 -1.59 -23.13
C LEU A 77 16.28 -0.35 -23.07
N THR A 78 17.29 -0.38 -22.20
CA THR A 78 18.20 0.77 -22.05
C THR A 78 18.76 1.20 -23.41
N LYS A 79 19.24 0.23 -24.16
CA LYS A 79 19.81 0.47 -25.48
C LYS A 79 18.74 0.93 -26.47
N ARG A 80 17.57 0.34 -26.39
CA ARG A 80 16.47 0.67 -27.29
C ARG A 80 16.02 2.10 -27.07
N SER A 81 16.23 2.61 -25.85
CA SER A 81 15.84 3.96 -25.49
C SER A 81 16.88 4.99 -25.88
N ASN A 82 18.08 4.50 -26.15
CA ASN A 82 19.25 5.31 -26.48
C ASN A 82 19.74 5.81 -25.14
N PHE A 83 19.68 4.90 -24.17
CA PHE A 83 20.13 5.15 -22.82
C PHE A 83 19.49 6.30 -22.07
N THR A 84 18.16 6.40 -22.18
CA THR A 84 17.43 7.44 -21.48
C THR A 84 17.41 7.02 -20.00
N PRO A 85 17.90 7.90 -19.11
CA PRO A 85 17.91 7.57 -17.68
C PRO A 85 16.63 7.95 -16.95
N ALA A 86 16.51 7.50 -15.71
CA ALA A 86 15.35 7.76 -14.89
C ALA A 86 15.34 9.22 -14.44
N THR A 87 14.17 9.78 -14.19
CA THR A 87 14.10 11.16 -13.71
C THR A 87 13.70 11.19 -12.23
N ASN A 88 14.58 11.75 -11.41
CA ASN A 88 14.35 11.86 -9.98
C ASN A 88 13.14 12.73 -9.68
N GLU A 89 12.27 12.21 -8.84
CA GLU A 89 11.07 12.92 -8.45
C GLU A 89 11.28 13.31 -6.99
N ALA A 90 10.46 14.22 -6.50
CA ALA A 90 10.57 14.65 -5.12
C ALA A 90 9.51 13.94 -4.30
N PRO A 91 9.93 13.12 -3.32
CA PRO A 91 8.97 12.38 -2.49
C PRO A 91 8.16 13.28 -1.56
N GLN A 92 7.07 12.75 -1.03
CA GLN A 92 6.23 13.49 -0.09
C GLN A 92 6.09 12.59 1.13
N ALA A 93 6.32 13.13 2.32
CA ALA A 93 6.20 12.34 3.54
C ALA A 93 5.13 12.91 4.44
N THR A 94 4.52 12.04 5.24
CA THR A 94 3.46 12.39 6.18
C THR A 94 3.57 11.47 7.38
N VAL A 95 3.63 12.03 8.59
CA VAL A 95 3.73 11.23 9.81
C VAL A 95 2.39 11.21 10.54
N PHE A 96 2.00 10.02 10.99
CA PHE A 96 0.73 9.88 11.70
C PHE A 96 0.75 8.64 12.59
N PRO A 97 -0.01 8.68 13.71
CA PRO A 97 -0.09 7.58 14.67
C PRO A 97 -1.14 6.55 14.29
N LYS A 98 -0.82 5.28 14.52
CA LYS A 98 -1.72 4.18 14.19
C LYS A 98 -3.03 4.30 14.96
N SER A 99 -2.94 4.78 16.19
CA SER A 99 -4.12 4.94 17.04
C SER A 99 -4.10 6.28 17.76
N PRO A 100 -5.20 6.64 18.43
CA PRO A 100 -5.25 7.91 19.16
C PRO A 100 -4.11 7.99 20.15
N VAL A 101 -3.30 9.05 20.03
CA VAL A 101 -2.17 9.25 20.92
C VAL A 101 -2.70 9.54 22.32
N LEU A 102 -2.30 8.72 23.28
CA LEU A 102 -2.72 8.91 24.64
C LEU A 102 -1.44 8.88 25.45
N LEU A 103 -1.19 9.96 26.19
CA LEU A 103 0.02 10.07 26.99
C LEU A 103 0.33 8.83 27.80
N GLY A 104 1.52 8.26 27.59
CA GLY A 104 1.86 7.03 28.27
C GLY A 104 1.35 5.70 27.74
N GLN A 105 0.48 5.70 26.74
CA GLN A 105 -0.02 4.45 26.20
C GLN A 105 0.76 4.07 24.95
N PRO A 106 1.36 2.86 24.93
CA PRO A 106 2.16 2.35 23.80
C PRO A 106 1.48 2.56 22.47
N ASN A 107 2.21 3.08 21.51
CA ASN A 107 1.63 3.35 20.20
C ASN A 107 2.68 3.15 19.11
N THR A 108 2.27 3.34 17.86
CA THR A 108 3.22 3.37 16.73
C THR A 108 3.11 4.56 15.81
N LEU A 109 4.24 5.21 15.55
CA LEU A 109 4.26 6.35 14.65
C LEU A 109 4.44 5.81 13.23
N ILE A 110 3.73 6.39 12.27
CA ILE A 110 3.87 5.94 10.90
C ILE A 110 4.29 7.06 9.94
N CYS A 111 5.26 6.74 9.08
CA CYS A 111 5.74 7.70 8.10
C CYS A 111 5.51 7.19 6.70
N PHE A 112 4.51 7.77 6.03
CA PHE A 112 4.14 7.43 4.67
C PHE A 112 4.87 8.37 3.71
N VAL A 113 5.74 7.81 2.89
CA VAL A 113 6.49 8.60 1.91
C VAL A 113 5.99 8.21 0.52
N ASP A 114 5.54 9.19 -0.26
CA ASP A 114 5.00 8.95 -1.60
C ASP A 114 5.83 9.57 -2.73
N ASN A 115 5.41 9.31 -3.96
CA ASN A 115 6.06 9.82 -5.16
C ASN A 115 7.55 9.50 -5.21
N ILE A 116 7.89 8.27 -4.85
CA ILE A 116 9.26 7.82 -4.84
C ILE A 116 9.73 7.23 -6.17
N PHE A 117 10.71 7.89 -6.77
CA PHE A 117 11.31 7.42 -8.02
C PHE A 117 12.61 8.20 -8.29
N PRO A 118 13.71 7.49 -8.55
CA PRO A 118 13.75 6.02 -8.60
C PRO A 118 13.51 5.32 -7.26
N PRO A 119 13.19 4.02 -7.31
CA PRO A 119 12.96 3.28 -6.07
C PRO A 119 14.21 3.09 -5.21
N VAL A 120 14.79 4.21 -4.76
CA VAL A 120 15.98 4.19 -3.89
C VAL A 120 15.76 5.32 -2.89
N ILE A 121 15.79 4.99 -1.60
CA ILE A 121 15.53 5.99 -0.58
C ILE A 121 16.03 5.57 0.81
N ASN A 122 16.12 6.55 1.69
CA ASN A 122 16.58 6.38 3.07
C ASN A 122 15.55 6.95 4.06
N ILE A 123 14.81 6.07 4.72
CA ILE A 123 13.82 6.55 5.70
C ILE A 123 14.32 6.24 7.11
N THR A 124 14.49 7.29 7.91
CA THR A 124 14.98 7.14 9.28
C THR A 124 14.23 7.99 10.30
N TRP A 125 14.36 7.64 11.57
CA TRP A 125 13.67 8.33 12.66
C TRP A 125 14.58 9.03 13.66
N LEU A 126 14.15 10.19 14.14
CA LEU A 126 14.92 10.94 15.13
C LEU A 126 14.00 11.37 16.28
N ARG A 127 14.46 11.14 17.51
CA ARG A 127 13.69 11.55 18.68
C ARG A 127 14.52 12.61 19.34
N ASN A 128 13.90 13.73 19.69
CA ASN A 128 14.63 14.82 20.32
C ASN A 128 15.96 15.03 19.58
N SER A 129 15.88 14.93 18.26
CA SER A 129 17.00 15.14 17.36
C SER A 129 18.17 14.14 17.31
N LYS A 130 17.95 12.91 17.75
CA LYS A 130 19.00 11.90 17.67
C LYS A 130 18.38 10.61 17.13
N SER A 131 19.11 9.90 16.29
CA SER A 131 18.59 8.67 15.69
C SER A 131 18.09 7.66 16.69
N VAL A 132 16.92 7.12 16.40
CA VAL A 132 16.33 6.11 17.25
C VAL A 132 16.08 4.87 16.40
N THR A 133 17.00 3.92 16.53
CA THR A 133 16.90 2.63 15.86
C THR A 133 16.26 1.75 16.93
N ASP A 134 14.97 1.53 16.78
CA ASP A 134 14.17 1.06 17.97
C ASP A 134 12.98 0.44 17.27
N GLY A 135 12.63 -0.78 17.67
CA GLY A 135 11.44 -1.38 17.00
C GLY A 135 10.95 -0.62 15.78
N VAL A 136 11.85 -0.55 14.80
CA VAL A 136 11.62 0.13 13.55
C VAL A 136 11.39 -0.91 12.46
N TYR A 137 10.39 -0.67 11.62
CA TYR A 137 10.12 -1.59 10.53
C TYR A 137 9.95 -0.73 9.29
N GLU A 138 10.10 -1.32 8.12
CA GLU A 138 9.97 -0.57 6.88
C GLU A 138 9.37 -1.47 5.82
N THR A 139 8.32 -1.02 5.14
CA THR A 139 7.73 -1.83 4.09
C THR A 139 8.66 -1.94 2.88
N SER A 140 8.31 -2.82 1.96
CA SER A 140 8.99 -2.85 0.66
C SER A 140 8.57 -1.64 -0.15
N PHE A 141 9.12 -1.49 -1.35
CA PHE A 141 8.60 -0.44 -2.21
C PHE A 141 7.25 -0.81 -2.78
N LEU A 142 6.20 -0.20 -2.23
CA LEU A 142 4.85 -0.48 -2.69
C LEU A 142 4.60 0.27 -3.97
N VAL A 143 4.03 -0.45 -4.92
CA VAL A 143 3.74 0.08 -6.23
C VAL A 143 2.63 1.13 -6.29
N ASN A 144 2.81 2.11 -7.19
CA ASN A 144 1.82 3.17 -7.41
C ASN A 144 1.37 3.09 -8.87
N ARG A 145 0.13 3.48 -9.11
CA ARG A 145 -0.47 3.45 -10.43
C ARG A 145 0.26 4.28 -11.48
N ASP A 146 0.95 5.34 -11.05
CA ASP A 146 1.68 6.20 -11.98
C ASP A 146 3.14 5.77 -12.15
N HIS A 147 3.43 4.57 -11.65
CA HIS A 147 4.74 3.93 -11.72
C HIS A 147 5.82 4.49 -10.84
N SER A 148 5.36 5.18 -9.80
CA SER A 148 6.24 5.72 -8.79
C SER A 148 5.96 4.75 -7.63
N PHE A 149 6.66 4.88 -6.51
CA PHE A 149 6.41 3.97 -5.41
C PHE A 149 6.11 4.77 -4.16
N HIS A 150 5.71 4.08 -3.10
CA HIS A 150 5.46 4.72 -1.83
C HIS A 150 5.99 3.75 -0.80
N LYS A 151 6.28 4.25 0.39
CA LYS A 151 6.84 3.40 1.43
C LYS A 151 6.37 3.78 2.82
N LEU A 152 6.34 2.79 3.71
CA LEU A 152 5.93 3.02 5.09
C LEU A 152 7.01 2.57 6.06
N SER A 153 7.29 3.45 7.03
CA SER A 153 8.24 3.17 8.08
C SER A 153 7.48 3.27 9.39
N TYR A 154 7.87 2.44 10.36
CA TYR A 154 7.22 2.41 11.66
C TYR A 154 8.19 2.62 12.83
N LEU A 155 7.69 3.22 13.89
CA LEU A 155 8.45 3.52 15.10
C LEU A 155 7.52 3.28 16.28
N THR A 156 7.89 2.36 17.15
CA THR A 156 7.06 2.09 18.32
C THR A 156 7.47 3.15 19.32
N PHE A 157 6.52 3.58 20.14
CA PHE A 157 6.84 4.60 21.11
C PHE A 157 5.70 4.74 22.10
N ILE A 158 6.03 5.24 23.25
CA ILE A 158 4.98 5.55 24.24
C ILE A 158 4.84 7.08 24.37
N PRO A 159 3.76 7.62 23.83
CA PRO A 159 3.49 9.06 23.81
C PRO A 159 4.07 9.82 24.98
N SER A 160 4.67 10.96 24.68
CA SER A 160 5.25 11.82 25.72
C SER A 160 5.39 13.22 25.21
N ASP A 161 4.96 14.18 26.00
CA ASP A 161 5.04 15.56 25.59
C ASP A 161 6.49 16.05 25.51
N ASP A 162 7.38 15.50 26.32
CA ASP A 162 8.77 15.94 26.30
C ASP A 162 9.70 15.39 25.21
N ASP A 163 9.15 14.83 24.13
CA ASP A 163 10.03 14.37 23.03
C ASP A 163 9.49 14.84 21.68
N ILE A 164 10.40 15.02 20.74
CA ILE A 164 10.07 15.47 19.38
C ILE A 164 10.53 14.43 18.38
N TYR A 165 9.67 14.06 17.44
CA TYR A 165 10.04 13.05 16.46
C TYR A 165 10.13 13.57 15.03
N ASP A 166 11.12 13.09 14.30
CA ASP A 166 11.31 13.49 12.91
C ASP A 166 11.46 12.23 12.09
N CYS A 167 11.02 12.29 10.86
CA CYS A 167 11.17 11.19 9.94
C CYS A 167 12.12 11.78 8.88
N LYS A 168 13.37 11.32 8.87
CA LYS A 168 14.35 11.79 7.90
C LYS A 168 14.17 11.05 6.58
N VAL A 169 13.91 11.81 5.52
CA VAL A 169 13.74 11.21 4.21
C VAL A 169 14.80 11.75 3.27
N GLU A 170 15.64 10.87 2.75
CA GLU A 170 16.70 11.27 1.84
C GLU A 170 16.48 10.57 0.50
N HIS A 171 16.54 11.34 -0.59
CA HIS A 171 16.35 10.84 -1.94
C HIS A 171 17.22 11.67 -2.88
N TRP A 172 17.48 11.18 -4.10
CA TRP A 172 18.30 11.94 -5.04
C TRP A 172 17.50 13.16 -5.51
N GLY A 173 16.19 13.00 -5.57
CA GLY A 173 15.33 14.11 -5.96
C GLY A 173 15.26 15.03 -4.76
N LEU A 174 16.07 14.69 -3.76
CA LEU A 174 16.18 15.46 -2.52
C LEU A 174 17.46 16.29 -2.49
N GLU A 175 17.25 17.57 -2.20
CA GLU A 175 18.29 18.57 -2.11
C GLU A 175 19.02 18.44 -0.77
N GLU A 176 18.22 18.39 0.29
CA GLU A 176 18.69 18.26 1.66
C GLU A 176 17.67 17.34 2.34
N PRO A 177 18.11 16.58 3.36
CA PRO A 177 17.17 15.69 4.05
C PRO A 177 15.89 16.41 4.46
N VAL A 178 14.77 15.76 4.20
CA VAL A 178 13.49 16.33 4.55
C VAL A 178 13.21 15.79 5.95
N LEU A 179 12.75 16.66 6.85
CA LEU A 179 12.44 16.25 8.22
C LEU A 179 10.99 16.53 8.56
N LYS A 180 10.18 15.47 8.62
CA LYS A 180 8.77 15.62 8.93
C LYS A 180 8.62 15.50 10.43
N HIS A 181 8.08 16.55 11.03
CA HIS A 181 7.89 16.65 12.47
C HIS A 181 6.63 16.00 13.05
N TRP A 182 6.71 15.67 14.35
CA TRP A 182 5.59 15.12 15.12
C TRP A 182 5.92 15.21 16.60
N SER A 187 4.97 15.72 17.37
CA SER A 187 5.15 15.84 18.80
C SER A 187 3.80 15.65 19.47
N SER A 188 3.81 15.12 20.69
CA SER A 188 2.59 14.85 21.44
C SER A 188 1.96 16.18 21.85
N ALA A 189 2.80 17.15 22.18
CA ALA A 189 2.32 18.49 22.46
C ALA A 189 2.29 18.76 20.96
N ASP A 190 1.43 19.63 20.45
CA ASP A 190 1.43 19.86 18.99
C ASP A 190 2.63 20.65 18.60
N LEU A 191 3.76 19.97 18.31
CA LEU A 191 4.94 20.74 17.98
C LEU A 191 5.22 21.07 16.61
N VAL A 192 4.73 22.27 16.32
CA VAL A 192 4.87 23.01 15.11
C VAL A 192 6.43 22.93 15.15
N PRO A 193 7.17 22.73 14.00
CA PRO A 193 8.61 22.56 13.65
C PRO A 193 9.63 22.58 14.80
N ARG A 194 9.51 22.91 16.06
CA ARG A 194 10.80 22.54 16.90
C ARG A 194 11.62 23.85 16.84
N GLY B 1 3.39 -29.04 -2.97
CA GLY B 1 4.30 -28.16 -2.18
C GLY B 1 4.33 -26.69 -2.57
N HIS B 2 3.49 -26.26 -3.52
CA HIS B 2 3.46 -24.86 -4.00
C HIS B 2 2.03 -24.31 -4.22
N ALA B 3 1.57 -23.47 -3.30
CA ALA B 3 0.23 -22.89 -3.32
C ALA B 3 0.03 -21.58 -4.08
N THR B 4 0.71 -20.52 -3.66
CA THR B 4 0.54 -19.23 -4.33
C THR B 4 1.47 -19.06 -5.51
N GLN B 5 0.87 -18.77 -6.66
CA GLN B 5 1.60 -18.60 -7.90
C GLN B 5 1.81 -17.14 -8.30
N GLY B 6 2.93 -16.90 -8.98
CA GLY B 6 3.27 -15.57 -9.44
C GLY B 6 3.31 -15.52 -10.95
N VAL B 7 2.85 -14.42 -11.51
CA VAL B 7 2.81 -14.22 -12.97
C VAL B 7 4.21 -14.04 -13.54
N THR B 8 4.49 -14.75 -14.63
CA THR B 8 5.81 -14.71 -15.25
C THR B 8 6.07 -13.57 -16.24
N ALA B 9 7.26 -12.97 -16.10
CA ALA B 9 7.76 -11.85 -16.91
C ALA B 9 8.38 -12.35 -18.20
N ALA B 10 7.86 -11.92 -19.33
CA ALA B 10 8.38 -12.37 -20.62
C ALA B 10 9.69 -11.67 -20.96
N SER B 11 10.68 -12.41 -21.46
CA SER B 11 11.98 -11.82 -21.83
C SER B 11 11.97 -11.42 -23.30
N SER B 12 12.60 -10.30 -23.62
CA SER B 12 12.63 -9.82 -25.00
C SER B 12 13.76 -10.45 -25.80
N HIS B 13 13.88 -10.02 -27.05
CA HIS B 13 14.86 -10.55 -27.98
C HIS B 13 16.14 -9.72 -28.23
N GLU B 14 17.09 -10.35 -28.93
CA GLU B 14 18.38 -9.79 -29.37
C GLU B 14 19.65 -10.11 -28.59
N ARG B 19 24.75 6.65 -15.55
CA ARG B 19 23.27 6.83 -15.58
C ARG B 19 22.48 5.79 -14.79
N HIS B 20 21.31 6.19 -14.27
CA HIS B 20 20.45 5.30 -13.50
C HIS B 20 19.20 4.94 -14.30
N PHE B 21 18.97 3.63 -14.44
CA PHE B 21 17.83 3.12 -15.18
C PHE B 21 17.06 2.13 -14.32
N VAL B 22 15.77 2.00 -14.60
CA VAL B 22 14.89 1.10 -13.87
C VAL B 22 13.90 0.49 -14.85
N VAL B 23 13.33 -0.64 -14.46
CA VAL B 23 12.29 -1.32 -15.24
C VAL B 23 11.43 -2.00 -14.21
N GLN B 24 10.15 -2.11 -14.51
CA GLN B 24 9.23 -2.76 -13.62
C GLN B 24 8.35 -3.68 -14.46
N PHE B 25 8.02 -4.84 -13.90
CA PHE B 25 7.13 -5.78 -14.58
C PHE B 25 5.98 -5.88 -13.61
N LYS B 26 4.77 -5.72 -14.10
CA LYS B 26 3.64 -5.78 -13.21
C LYS B 26 2.59 -6.76 -13.67
N GLY B 27 2.28 -7.72 -12.80
CA GLY B 27 1.26 -8.69 -13.13
C GLY B 27 0.09 -8.39 -12.23
N GLU B 28 -1.00 -7.88 -12.78
CA GLU B 28 -2.14 -7.54 -11.93
C GLU B 28 -3.42 -8.26 -12.27
N CYS B 29 -4.12 -8.74 -11.26
CA CYS B 29 -5.37 -9.39 -11.58
C CYS B 29 -6.50 -8.85 -10.77
N TYR B 30 -7.53 -8.37 -11.51
CA TYR B 30 -8.74 -7.80 -10.96
C TYR B 30 -9.87 -8.83 -10.92
N TYR B 31 -10.63 -8.87 -9.83
CA TYR B 31 -11.71 -9.81 -9.72
C TYR B 31 -12.96 -9.05 -9.33
N THR B 32 -14.10 -9.48 -9.86
CA THR B 32 -15.34 -8.84 -9.52
C THR B 32 -16.44 -9.89 -9.46
N ASN B 33 -17.21 -9.85 -8.39
CA ASN B 33 -18.28 -10.80 -8.14
C ASN B 33 -17.67 -12.17 -8.01
N GLY B 34 -16.66 -12.26 -7.17
CA GLY B 34 -15.98 -13.53 -6.95
C GLY B 34 -14.98 -13.84 -8.03
N THR B 35 -15.08 -15.05 -8.55
CA THR B 35 -14.17 -15.49 -9.59
C THR B 35 -14.95 -15.54 -10.92
N GLN B 36 -16.16 -15.00 -10.88
CA GLN B 36 -17.04 -14.94 -12.05
C GLN B 36 -16.46 -14.09 -13.15
N ARG B 37 -15.80 -13.01 -12.75
CA ARG B 37 -15.18 -12.08 -13.70
C ARG B 37 -13.73 -11.83 -13.28
N ILE B 38 -12.80 -12.33 -14.10
CA ILE B 38 -11.37 -12.19 -13.82
C ILE B 38 -10.65 -11.64 -15.06
N ARG B 39 -9.92 -10.54 -14.86
CA ARG B 39 -9.17 -9.91 -15.95
C ARG B 39 -7.70 -9.84 -15.60
N LEU B 40 -6.85 -10.21 -16.54
CA LEU B 40 -5.42 -10.20 -16.32
C LEU B 40 -4.69 -9.15 -17.15
N VAL B 41 -4.04 -8.23 -16.45
CA VAL B 41 -3.28 -7.18 -17.10
C VAL B 41 -1.84 -7.28 -16.63
N THR B 42 -0.93 -7.30 -17.60
CA THR B 42 0.49 -7.34 -17.32
C THR B 42 1.12 -6.16 -18.06
N ARG B 43 2.04 -5.47 -17.39
CA ARG B 43 2.69 -4.32 -17.98
C ARG B 43 4.19 -4.39 -17.89
N TYR B 44 4.86 -3.81 -18.87
CA TYR B 44 6.31 -3.76 -18.89
C TYR B 44 6.64 -2.26 -18.89
N ILE B 45 7.31 -1.82 -17.82
CA ILE B 45 7.64 -0.42 -17.65
C ILE B 45 9.13 -0.15 -17.68
N TYR B 46 9.51 0.88 -18.43
CA TYR B 46 10.90 1.29 -18.52
C TYR B 46 10.97 2.66 -17.84
N ASN B 47 11.62 2.70 -16.69
CA ASN B 47 11.73 3.91 -15.88
C ASN B 47 10.33 4.15 -15.33
N ARG B 48 9.56 4.96 -16.03
CA ARG B 48 8.19 5.26 -15.62
C ARG B 48 7.29 5.19 -16.85
N GLU B 49 7.79 4.60 -17.92
CA GLU B 49 7.04 4.50 -19.16
C GLU B 49 6.62 3.07 -19.53
N GLU B 50 5.32 2.83 -19.51
CA GLU B 50 4.81 1.52 -19.88
C GLU B 50 4.87 1.40 -21.40
N TYR B 51 5.44 0.33 -21.92
CA TYR B 51 5.61 0.24 -23.38
C TYR B 51 4.84 -0.94 -23.98
N VAL B 52 4.80 -2.08 -23.28
CA VAL B 52 4.08 -3.25 -23.78
C VAL B 52 3.13 -3.74 -22.71
N ARG B 53 1.98 -4.24 -23.12
CA ARG B 53 1.00 -4.75 -22.17
C ARG B 53 0.21 -5.91 -22.72
N TYR B 54 -0.28 -6.76 -21.81
CA TYR B 54 -1.11 -7.89 -22.20
C TYR B 54 -2.45 -7.73 -21.46
N ASP B 55 -3.52 -7.48 -22.21
CA ASP B 55 -4.83 -7.28 -21.61
C ASP B 55 -5.81 -8.39 -21.96
N SER B 56 -6.45 -8.95 -20.93
CA SER B 56 -7.44 -10.03 -21.09
C SER B 56 -8.45 -9.71 -22.18
N ASP B 57 -9.08 -8.55 -22.06
CA ASP B 57 -10.09 -8.13 -23.02
C ASP B 57 -9.52 -7.89 -24.40
N VAL B 58 -8.21 -8.03 -24.54
CA VAL B 58 -7.61 -7.80 -25.84
C VAL B 58 -7.18 -9.09 -26.52
N GLY B 59 -6.66 -10.05 -25.74
CA GLY B 59 -6.25 -11.31 -26.33
C GLY B 59 -4.77 -11.48 -26.67
N GLU B 60 -4.03 -10.37 -26.72
CA GLU B 60 -2.61 -10.47 -27.02
C GLU B 60 -1.83 -9.26 -26.53
N TYR B 61 -0.53 -9.29 -26.75
CA TYR B 61 0.29 -8.09 -26.55
C TYR B 61 0.09 -6.92 -27.49
N ARG B 62 0.13 -5.72 -26.90
CA ARG B 62 -0.03 -4.45 -27.62
C ARG B 62 1.00 -3.49 -27.06
N ALA B 63 1.58 -2.66 -27.91
CA ALA B 63 2.55 -1.68 -27.44
C ALA B 63 1.70 -0.51 -26.95
N VAL B 64 2.08 0.10 -25.83
CA VAL B 64 1.33 1.24 -25.34
C VAL B 64 2.06 2.52 -25.79
N THR B 65 3.35 2.38 -26.06
CA THR B 65 4.22 3.45 -26.56
C THR B 65 5.03 2.84 -27.72
N GLU B 66 5.77 3.67 -28.46
CA GLU B 66 6.54 3.19 -29.62
C GLU B 66 7.62 2.14 -29.33
N LEU B 67 8.23 2.16 -28.16
CA LEU B 67 9.27 1.17 -27.89
C LEU B 67 8.77 -0.18 -27.42
N GLY B 68 7.45 -0.30 -27.32
CA GLY B 68 6.87 -1.57 -26.91
C GLY B 68 6.52 -2.40 -28.14
N ARG B 69 6.73 -1.80 -29.31
CA ARG B 69 6.43 -2.48 -30.56
C ARG B 69 7.24 -3.75 -30.80
N PRO B 70 8.58 -3.66 -30.72
CA PRO B 70 9.40 -4.86 -30.94
C PRO B 70 8.97 -6.08 -30.11
N ASP B 71 8.57 -5.86 -28.86
CA ASP B 71 8.17 -6.95 -28.00
C ASP B 71 6.76 -7.49 -28.32
N ALA B 72 5.81 -6.60 -28.60
CA ALA B 72 4.45 -7.01 -28.92
C ALA B 72 4.48 -7.93 -30.13
N GLU B 73 5.28 -7.54 -31.12
CA GLU B 73 5.43 -8.22 -32.41
C GLU B 73 5.95 -9.62 -32.13
N TYR B 74 7.09 -9.70 -31.48
CA TYR B 74 7.79 -10.93 -31.19
C TYR B 74 7.02 -11.90 -30.30
N TRP B 75 6.57 -11.43 -29.13
CA TRP B 75 5.85 -12.27 -28.19
C TRP B 75 4.56 -12.80 -28.76
N ASN B 76 3.97 -12.06 -29.68
CA ASN B 76 2.73 -12.50 -30.31
C ASN B 76 3.15 -13.48 -31.42
N SER B 77 4.44 -13.46 -31.78
CA SER B 77 5.00 -14.34 -32.79
C SER B 77 5.19 -15.71 -32.17
N GLN B 78 5.70 -15.69 -30.94
CA GLN B 78 5.97 -16.88 -30.16
C GLN B 78 4.70 -17.40 -29.52
N PRO B 79 4.15 -18.50 -30.06
CA PRO B 79 2.92 -19.14 -29.56
C PRO B 79 3.01 -19.60 -28.10
N GLU B 80 4.20 -20.00 -27.68
CA GLU B 80 4.38 -20.44 -26.31
C GLU B 80 4.08 -19.25 -25.40
N ILE B 81 4.97 -18.26 -25.43
CA ILE B 81 4.83 -17.05 -24.63
C ILE B 81 3.38 -16.60 -24.61
N LEU B 82 2.80 -16.46 -25.80
CA LEU B 82 1.41 -16.05 -25.92
C LEU B 82 0.49 -16.96 -25.14
N GLU B 83 0.71 -18.27 -25.23
CA GLU B 83 -0.14 -19.21 -24.51
C GLU B 83 0.15 -19.27 -23.02
N ARG B 84 1.41 -19.15 -22.63
CA ARG B 84 1.71 -19.18 -21.20
C ARG B 84 0.94 -18.01 -20.61
N THR B 85 1.21 -16.82 -21.12
CA THR B 85 0.58 -15.57 -20.71
C THR B 85 -0.95 -15.65 -20.65
N ARG B 86 -1.57 -15.86 -21.80
CA ARG B 86 -3.02 -15.95 -21.92
C ARG B 86 -3.69 -16.87 -20.89
N ALA B 87 -2.99 -17.93 -20.49
CA ALA B 87 -3.54 -18.90 -19.54
C ALA B 87 -3.37 -18.54 -18.07
N GLU B 88 -2.40 -17.68 -17.78
CA GLU B 88 -2.13 -17.28 -16.40
C GLU B 88 -3.42 -16.88 -15.71
N VAL B 89 -4.38 -16.41 -16.49
CA VAL B 89 -5.65 -15.98 -15.94
C VAL B 89 -6.30 -17.05 -15.04
N ASP B 90 -6.16 -18.32 -15.40
CA ASP B 90 -6.73 -19.40 -14.61
C ASP B 90 -5.69 -19.93 -13.62
N THR B 91 -4.52 -20.24 -14.14
CA THR B 91 -3.42 -20.80 -13.35
C THR B 91 -2.91 -19.89 -12.24
N ALA B 92 -3.01 -18.58 -12.43
CA ALA B 92 -2.53 -17.64 -11.42
C ALA B 92 -3.65 -16.83 -10.75
N CYS B 93 -4.45 -16.14 -11.54
CA CYS B 93 -5.50 -15.35 -10.93
C CYS B 93 -6.63 -16.15 -10.33
N ARG B 94 -7.25 -17.03 -11.11
CA ARG B 94 -8.31 -17.86 -10.56
C ARG B 94 -7.76 -18.71 -9.45
N HIS B 95 -6.59 -19.32 -9.68
CA HIS B 95 -5.99 -20.18 -8.68
C HIS B 95 -5.79 -19.49 -7.35
N ASN B 96 -5.01 -18.42 -7.37
CA ASN B 96 -4.70 -17.64 -6.18
C ASN B 96 -5.94 -17.20 -5.41
N TYR B 97 -6.92 -16.67 -6.13
CA TYR B 97 -8.16 -16.22 -5.50
C TYR B 97 -8.88 -17.35 -4.79
N GLU B 98 -9.07 -18.46 -5.50
CA GLU B 98 -9.73 -19.63 -4.95
C GLU B 98 -8.92 -20.11 -3.74
N GLY B 99 -7.73 -20.62 -4.02
CA GLY B 99 -6.86 -21.12 -2.98
C GLY B 99 -6.44 -20.09 -1.93
N PRO B 100 -5.27 -19.45 -2.11
CA PRO B 100 -4.69 -18.44 -1.22
C PRO B 100 -5.62 -17.38 -0.61
N GLU B 101 -5.96 -16.36 -1.39
CA GLU B 101 -6.81 -15.25 -0.95
C GLU B 101 -8.04 -15.60 -0.10
N THR B 102 -8.73 -16.68 -0.47
CA THR B 102 -9.94 -17.07 0.23
C THR B 102 -9.69 -17.60 1.65
N SER B 103 -8.45 -17.98 1.94
CA SER B 103 -8.09 -18.53 3.26
C SER B 103 -7.16 -17.59 4.00
N THR B 104 -6.84 -16.48 3.33
CA THR B 104 -5.91 -15.49 3.82
C THR B 104 -6.51 -14.08 3.91
N SER B 105 -6.46 -13.33 2.81
CA SER B 105 -6.96 -11.96 2.77
C SER B 105 -8.47 -11.87 2.84
N LEU B 106 -9.15 -12.78 2.14
CA LEU B 106 -10.60 -12.77 2.11
C LEU B 106 -11.28 -13.19 3.41
N ARG B 107 -10.50 -13.65 4.38
CA ARG B 107 -11.06 -14.07 5.66
C ARG B 107 -10.54 -13.21 6.82
N ARG B 108 -9.70 -12.23 6.50
CA ARG B 108 -9.16 -11.33 7.52
C ARG B 108 -10.23 -10.40 8.06
N LEU B 109 -10.34 -10.33 9.39
CA LEU B 109 -11.32 -9.48 10.08
C LEU B 109 -10.63 -8.76 11.23
N GLU B 110 -10.60 -7.43 11.19
CA GLU B 110 -9.98 -6.65 12.26
C GLU B 110 -11.04 -5.75 12.85
N GLN B 111 -11.42 -6.02 14.09
CA GLN B 111 -12.45 -5.24 14.78
C GLN B 111 -11.96 -3.81 15.10
N PRO B 112 -12.71 -2.80 14.63
CA PRO B 112 -12.34 -1.40 14.87
C PRO B 112 -12.42 -0.95 16.31
N ASN B 113 -11.65 0.09 16.63
CA ASN B 113 -11.65 0.65 17.97
C ASN B 113 -12.05 2.10 17.82
N VAL B 114 -13.17 2.45 18.44
CA VAL B 114 -13.69 3.81 18.35
C VAL B 114 -13.46 4.63 19.62
N ALA B 115 -13.19 5.91 19.43
CA ALA B 115 -12.94 6.85 20.52
C ALA B 115 -13.52 8.19 20.09
N ILE B 116 -14.04 8.95 21.05
CA ILE B 116 -14.62 10.24 20.71
C ILE B 116 -13.86 11.40 21.34
N SER B 117 -13.59 12.44 20.57
CA SER B 117 -12.87 13.60 21.11
C SER B 117 -13.51 14.94 20.76
N LEU B 118 -13.38 15.92 21.65
CA LEU B 118 -13.95 17.26 21.40
C LEU B 118 -12.98 18.01 20.47
N SER B 119 -13.44 18.49 19.33
CA SER B 119 -12.48 19.12 18.43
C SER B 119 -12.70 20.57 18.11
N ARG B 120 -11.93 20.96 17.08
CA ARG B 120 -11.81 22.30 16.53
C ARG B 120 -11.25 23.23 17.61
N THR B 121 -10.50 22.57 18.50
CA THR B 121 -10.00 22.99 19.85
C THR B 121 -10.44 23.85 21.08
N GLU B 122 -11.39 24.79 20.99
CA GLU B 122 -11.70 25.46 22.27
C GLU B 122 -13.14 25.45 22.78
N ALA B 123 -13.47 26.32 23.73
CA ALA B 123 -14.82 26.22 24.26
C ALA B 123 -15.99 27.13 23.94
N LEU B 124 -16.70 26.73 22.89
CA LEU B 124 -17.95 27.25 22.40
C LEU B 124 -18.45 28.60 21.86
N ASN B 125 -17.84 29.07 20.87
CA ASN B 125 -18.38 30.19 20.10
C ASN B 125 -18.70 29.76 18.67
N HIS B 126 -17.96 28.61 18.44
CA HIS B 126 -18.09 27.86 17.21
C HIS B 126 -17.57 26.50 17.53
N HIS B 127 -17.82 25.99 18.74
CA HIS B 127 -17.25 24.69 19.01
C HIS B 127 -18.06 23.46 19.22
N ASN B 128 -18.03 22.82 18.07
CA ASN B 128 -18.76 21.68 17.60
C ASN B 128 -18.09 20.37 17.27
N THR B 129 -16.82 20.37 16.92
CA THR B 129 -16.43 19.12 16.36
C THR B 129 -15.99 17.92 17.13
N LEU B 130 -16.96 17.01 17.13
CA LEU B 130 -16.85 15.71 17.74
C LEU B 130 -16.19 14.85 16.68
N VAL B 131 -15.04 14.32 17.04
CA VAL B 131 -14.28 13.49 16.16
C VAL B 131 -14.34 12.11 16.72
N CYS B 132 -14.73 11.16 15.88
CA CYS B 132 -14.79 9.77 16.30
C CYS B 132 -13.65 9.13 15.53
N SER B 133 -12.77 8.44 16.24
CA SER B 133 -11.66 7.80 15.58
C SER B 133 -11.83 6.29 15.51
N VAL B 134 -12.13 5.78 14.31
CA VAL B 134 -12.29 4.35 14.12
C VAL B 134 -10.97 3.89 13.52
N THR B 135 -10.21 3.14 14.31
CA THR B 135 -8.89 2.68 13.87
C THR B 135 -8.67 1.18 13.96
N ASP B 136 -7.62 0.74 13.25
CA ASP B 136 -7.20 -0.65 13.26
C ASP B 136 -8.22 -1.67 12.78
N PHE B 137 -8.98 -1.33 11.75
CA PHE B 137 -9.95 -2.27 11.22
C PHE B 137 -9.57 -2.80 9.85
N TYR B 138 -10.16 -3.96 9.52
CA TYR B 138 -9.97 -4.62 8.22
C TYR B 138 -11.17 -5.53 8.01
N PRO B 139 -11.76 -5.55 6.81
CA PRO B 139 -11.42 -4.78 5.60
C PRO B 139 -11.85 -3.33 5.63
N ALA B 140 -11.72 -2.65 4.50
CA ALA B 140 -12.08 -1.24 4.37
C ALA B 140 -13.59 -0.93 4.40
N LYS B 141 -14.42 -1.97 4.38
CA LYS B 141 -15.88 -1.80 4.40
C LYS B 141 -16.34 -1.30 5.76
N ILE B 142 -17.10 -0.20 5.79
CA ILE B 142 -17.54 0.31 7.07
C ILE B 142 -18.64 1.35 6.97
N LYS B 143 -19.39 1.50 8.04
CA LYS B 143 -20.46 2.49 8.09
C LYS B 143 -20.45 3.11 9.48
N VAL B 144 -20.35 4.42 9.54
CA VAL B 144 -20.35 5.12 10.82
C VAL B 144 -21.51 6.11 10.83
N ARG B 145 -22.26 6.14 11.92
CA ARG B 145 -23.39 7.06 12.06
C ARG B 145 -23.24 7.84 13.37
N TRP B 146 -23.89 8.99 13.43
CA TRP B 146 -23.85 9.84 14.61
C TRP B 146 -25.27 9.96 15.16
N PHE B 147 -25.41 9.91 16.48
CA PHE B 147 -26.73 10.03 17.09
C PHE B 147 -26.72 11.12 18.14
N ARG B 148 -27.72 12.00 18.07
CA ARG B 148 -27.86 13.06 19.04
C ARG B 148 -29.07 12.64 19.87
N ASN B 149 -28.76 12.20 21.09
CA ASN B 149 -29.74 11.84 22.11
C ASN B 149 -30.95 11.09 21.57
N GLY B 150 -30.70 9.95 20.94
CA GLY B 150 -31.79 9.14 20.42
C GLY B 150 -32.03 9.09 18.92
N GLN B 151 -31.79 10.20 18.24
CA GLN B 151 -31.98 10.25 16.79
C GLN B 151 -30.66 10.44 16.08
N GLU B 152 -30.63 10.06 14.81
CA GLU B 152 -29.42 10.16 14.01
C GLU B 152 -29.18 11.52 13.39
N GLU B 153 -27.92 11.96 13.45
CA GLU B 153 -27.50 13.24 12.90
C GLU B 153 -27.01 13.00 11.47
N THR B 154 -27.77 13.48 10.49
CA THR B 154 -27.40 13.33 9.08
C THR B 154 -26.63 14.57 8.61
N VAL B 155 -27.17 15.74 8.94
CA VAL B 155 -26.53 17.00 8.58
C VAL B 155 -25.46 17.36 9.60
N GLY B 156 -24.25 17.61 9.14
CA GLY B 156 -23.18 17.97 10.05
C GLY B 156 -22.22 16.83 10.32
N VAL B 157 -22.14 15.90 9.39
CA VAL B 157 -21.24 14.75 9.52
C VAL B 157 -20.16 14.87 8.46
N SER B 158 -18.90 14.81 8.90
CA SER B 158 -17.79 14.92 7.95
C SER B 158 -16.77 13.80 8.17
N SER B 159 -16.62 12.94 7.17
CA SER B 159 -15.68 11.85 7.26
C SER B 159 -14.39 12.15 6.52
N THR B 160 -13.25 11.86 7.16
CA THR B 160 -11.96 12.07 6.53
C THR B 160 -11.76 10.88 5.60
N GLN B 161 -10.80 10.98 4.68
CA GLN B 161 -10.53 9.89 3.76
C GLN B 161 -10.06 8.67 4.52
N LEU B 162 -10.21 7.50 3.91
CA LEU B 162 -9.76 6.27 4.54
C LEU B 162 -8.25 6.26 4.51
N ILE B 163 -7.64 6.04 5.67
CA ILE B 163 -6.20 6.00 5.76
C ILE B 163 -5.79 4.53 5.83
N ARG B 164 -4.71 4.19 5.13
CA ARG B 164 -4.22 2.81 5.12
C ARG B 164 -2.92 2.80 5.92
N ASN B 165 -2.95 2.15 7.08
CA ASN B 165 -1.79 2.09 7.96
C ASN B 165 -0.59 1.35 7.31
N GLY B 166 -0.88 0.39 6.44
CA GLY B 166 0.19 -0.34 5.79
C GLY B 166 0.43 -1.67 6.45
N ASP B 167 -0.15 -1.87 7.64
CA ASP B 167 -0.01 -3.12 8.37
C ASP B 167 -1.27 -3.97 8.21
N TRP B 168 -1.94 -3.79 7.08
CA TRP B 168 -3.19 -4.48 6.77
C TRP B 168 -4.31 -4.03 7.67
N THR B 169 -4.37 -2.72 7.93
CA THR B 169 -5.44 -2.14 8.75
C THR B 169 -5.72 -0.71 8.32
N PHE B 170 -6.96 -0.27 8.53
CA PHE B 170 -7.35 1.07 8.17
C PHE B 170 -7.76 1.87 9.39
N GLN B 171 -8.10 3.13 9.15
CA GLN B 171 -8.57 4.04 10.17
C GLN B 171 -9.17 5.20 9.41
N VAL B 172 -10.09 5.91 10.07
CA VAL B 172 -10.76 7.05 9.46
C VAL B 172 -11.29 7.91 10.60
N LEU B 173 -11.56 9.18 10.29
CA LEU B 173 -12.07 10.12 11.29
C LEU B 173 -13.42 10.66 10.81
N VAL B 174 -14.47 10.39 11.60
CA VAL B 174 -15.81 10.87 11.27
C VAL B 174 -16.21 11.92 12.30
N MET B 175 -16.37 13.14 11.81
CA MET B 175 -16.71 14.27 12.67
C MET B 175 -18.18 14.65 12.58
N LEU B 176 -18.66 15.30 13.64
CA LEU B 176 -20.03 15.77 13.70
C LEU B 176 -19.98 17.24 14.11
N GLU B 177 -20.68 18.06 13.33
CA GLU B 177 -20.75 19.49 13.59
C GLU B 177 -21.68 19.73 14.78
N MET B 178 -21.36 20.72 15.62
CA MET B 178 -22.19 20.96 16.79
C MET B 178 -22.02 22.26 17.61
N THR B 179 -22.85 22.35 18.63
CA THR B 179 -22.87 23.45 19.59
C THR B 179 -23.61 22.67 20.65
N PRO B 180 -22.86 22.03 21.56
CA PRO B 180 -23.38 21.21 22.65
C PRO B 180 -24.50 21.76 23.51
N HIS B 181 -25.02 20.87 24.36
CA HIS B 181 -26.10 21.20 25.29
C HIS B 181 -26.06 20.19 26.43
N GLN B 182 -26.34 20.65 27.64
CA GLN B 182 -26.33 19.77 28.81
C GLN B 182 -27.59 18.92 28.84
N GLY B 183 -27.40 17.61 28.85
CA GLY B 183 -28.50 16.68 28.86
C GLY B 183 -28.46 15.92 27.54
N GLU B 184 -27.51 16.30 26.70
CA GLU B 184 -27.35 15.68 25.40
C GLU B 184 -26.31 14.58 25.38
N VAL B 185 -26.64 13.52 24.65
CA VAL B 185 -25.74 12.39 24.53
C VAL B 185 -25.54 12.12 23.04
N TYR B 186 -24.29 12.21 22.60
CA TYR B 186 -23.95 11.97 21.21
C TYR B 186 -23.31 10.58 21.12
N THR B 187 -23.78 9.76 20.21
CA THR B 187 -23.24 8.40 20.06
C THR B 187 -22.58 8.13 18.70
N CYS B 188 -21.46 7.41 18.74
CA CYS B 188 -20.75 7.04 17.52
C CYS B 188 -21.08 5.56 17.23
N HIS B 189 -21.87 5.34 16.19
CA HIS B 189 -22.28 4.00 15.82
C HIS B 189 -21.48 3.44 14.63
N VAL B 190 -20.76 2.34 14.85
CA VAL B 190 -19.96 1.74 13.79
C VAL B 190 -20.45 0.37 13.37
N GLU B 191 -20.64 0.19 12.06
CA GLU B 191 -21.10 -1.08 11.46
C GLU B 191 -19.94 -1.65 10.64
N HIS B 192 -19.51 -2.87 10.95
CA HIS B 192 -18.38 -3.50 10.26
C HIS B 192 -18.54 -5.03 10.28
N PRO B 193 -17.99 -5.71 9.26
CA PRO B 193 -18.08 -7.18 9.14
C PRO B 193 -17.33 -8.00 10.19
N SER B 194 -16.40 -7.37 10.90
CA SER B 194 -15.60 -8.03 11.94
C SER B 194 -16.38 -8.09 13.26
N LEU B 195 -17.28 -7.14 13.44
CA LEU B 195 -18.09 -7.04 14.65
C LEU B 195 -19.22 -8.07 14.64
N LYS B 196 -19.83 -8.30 15.79
CA LYS B 196 -20.94 -9.24 15.90
C LYS B 196 -22.21 -8.42 16.11
N SER B 197 -22.01 -7.20 16.44
CA SER B 197 -23.05 -6.18 16.67
C SER B 197 -22.45 -4.78 16.49
N PRO B 198 -23.15 -3.88 15.86
CA PRO B 198 -22.47 -2.59 15.72
C PRO B 198 -21.97 -2.13 17.07
N ILE B 199 -20.83 -1.46 17.09
CA ILE B 199 -20.24 -0.99 18.33
C ILE B 199 -20.58 0.49 18.61
N THR B 200 -20.60 0.87 19.88
CA THR B 200 -20.97 2.22 20.22
C THR B 200 -20.04 2.93 21.20
N VAL B 201 -20.16 4.25 21.26
CA VAL B 201 -19.36 5.09 22.15
C VAL B 201 -20.18 6.36 22.32
N GLU B 202 -20.13 6.97 23.51
CA GLU B 202 -20.93 8.18 23.75
C GLU B 202 -20.23 9.35 24.42
N TRP B 203 -20.58 10.58 24.00
CA TRP B 203 -20.00 11.79 24.60
C TRP B 203 -21.08 12.67 25.22
N SER B 204 -20.75 13.26 26.36
CA SER B 204 -21.62 14.17 27.08
C SER B 204 -20.68 15.22 27.67
N SER B 205 -21.07 15.87 28.77
CA SER B 205 -20.26 16.88 29.46
C SER B 205 -19.11 17.52 28.69
#